data_7C6D
#
_entry.id   7C6D
#
_cell.length_a   46.961
_cell.length_b   77.921
_cell.length_c   79.109
_cell.angle_alpha   90.000
_cell.angle_beta   90.000
_cell.angle_gamma   90.000
#
_symmetry.space_group_name_H-M   'P 21 21 21'
#
loop_
_entity.id
_entity.type
_entity.pdbx_description
1 polymer Chitosanase
2 branched 2-amino-2-deoxy-beta-D-glucopyranose-(1-4)-2-amino-2-deoxy-beta-D-glucopyranose-(1-4)-2-amino-2-deoxy-beta-D-glucopyranose-(1-4)-2-amino-2-deoxy-beta-D-glucopyranose-(1-4)-2-amino-2-deoxy-beta-D-glucopyranose-(1-4)-2-amino-2-deoxy-beta-D-glucopyranose
3 water water
#
_entity_poly.entity_id   1
_entity_poly.type   'polypeptide(L)'
_entity_poly.pdbx_seq_one_letter_code
;AGLNKDQKRRAEQLTSIFANGTTEIQYGYVERLDDGRGYTCGRAGFTTATGDALEVVEVYTKAVPNNKLKKYLPELRRLA
KEESDDTSNLKGFASAWKSLANDKEFRAAQDKVNDHLYYQPAMKRSDNAGLKTALARAVMYDTVIQHGDGDDPDSFYALI
KRTNKKAGGSPKDGIDEKKWLNKFLDVRYDDLMNPANHDTRDEWRESVARVDVLRSIAKENNYNLNGPIHVRSNEYGNFV
IK
;
_entity_poly.pdbx_strand_id   A
#
# COMPACT_ATOMS: atom_id res chain seq x y z
N GLY A 2 -14.20 -10.47 -2.08
CA GLY A 2 -13.31 -9.33 -2.13
C GLY A 2 -14.01 -8.02 -2.45
N LEU A 3 -13.33 -7.15 -3.18
CA LEU A 3 -13.93 -5.91 -3.68
C LEU A 3 -14.35 -6.13 -5.13
N ASN A 4 -15.55 -5.62 -5.47
CA ASN A 4 -15.99 -5.71 -6.86
C ASN A 4 -15.21 -4.72 -7.72
N LYS A 5 -15.52 -4.69 -9.02
CA LYS A 5 -14.69 -3.90 -9.94
C LYS A 5 -14.67 -2.43 -9.54
N ASP A 6 -15.84 -1.86 -9.24
CA ASP A 6 -15.90 -0.45 -8.87
C ASP A 6 -15.26 -0.20 -7.51
N GLN A 7 -15.58 -1.05 -6.53
CA GLN A 7 -15.04 -0.86 -5.19
C GLN A 7 -13.54 -0.99 -5.18
N LYS A 8 -12.99 -1.94 -5.95
CA LYS A 8 -11.55 -2.12 -6.00
CA LYS A 8 -11.55 -2.12 -5.99
C LYS A 8 -10.87 -0.91 -6.61
N ARG A 9 -11.44 -0.38 -7.71
CA ARG A 9 -10.91 0.83 -8.32
CA ARG A 9 -10.88 0.83 -8.30
C ARG A 9 -10.91 1.98 -7.32
N ARG A 10 -12.02 2.17 -6.60
CA ARG A 10 -12.09 3.26 -5.64
C ARG A 10 -11.05 3.09 -4.55
N ALA A 11 -10.89 1.87 -4.03
CA ALA A 11 -9.87 1.61 -3.03
C ALA A 11 -8.48 1.99 -3.55
N GLU A 12 -8.19 1.62 -4.80
CA GLU A 12 -6.89 1.90 -5.39
C GLU A 12 -6.69 3.39 -5.63
N GLN A 13 -7.75 4.12 -5.98
CA GLN A 13 -7.60 5.55 -6.18
CA GLN A 13 -7.60 5.55 -6.18
C GLN A 13 -7.40 6.28 -4.86
N LEU A 14 -8.00 5.80 -3.78
CA LEU A 14 -7.68 6.32 -2.45
C LEU A 14 -6.20 6.10 -2.14
N THR A 15 -5.73 4.86 -2.29
CA THR A 15 -4.31 4.55 -2.07
C THR A 15 -3.42 5.43 -2.93
N SER A 16 -3.83 5.71 -4.16
CA SER A 16 -3.04 6.55 -5.05
C SER A 16 -2.96 7.99 -4.55
N ILE A 17 -4.05 8.52 -4.01
CA ILE A 17 -4.00 9.84 -3.38
C ILE A 17 -2.99 9.84 -2.26
N PHE A 18 -3.05 8.83 -1.39
CA PHE A 18 -2.18 8.80 -0.22
C PHE A 18 -0.72 8.67 -0.63
N ALA A 19 -0.44 7.97 -1.73
CA ALA A 19 0.94 7.77 -2.14
C ALA A 19 1.48 8.91 -3.00
N ASN A 20 0.63 9.53 -3.82
CA ASN A 20 1.13 10.39 -4.88
C ASN A 20 0.31 11.65 -5.09
N GLY A 21 -0.75 11.89 -4.32
CA GLY A 21 -1.53 13.10 -4.49
C GLY A 21 -2.32 13.17 -5.78
N THR A 22 -2.70 12.02 -6.32
CA THR A 22 -3.48 11.97 -7.55
C THR A 22 -4.28 10.68 -7.54
N THR A 23 -5.45 10.70 -8.17
CA THR A 23 -6.22 9.48 -8.34
C THR A 23 -5.71 8.61 -9.48
N GLU A 24 -4.80 9.13 -10.31
CA GLU A 24 -4.21 8.35 -11.39
C GLU A 24 -3.05 7.53 -10.84
N ILE A 25 -3.18 6.20 -10.88
CA ILE A 25 -2.13 5.35 -10.32
C ILE A 25 -0.82 5.60 -11.05
N GLN A 26 0.25 5.83 -10.27
CA GLN A 26 1.55 6.25 -10.81
C GLN A 26 2.48 5.05 -10.95
N TYR A 27 2.36 4.36 -12.07
CA TYR A 27 3.23 3.21 -12.30
C TYR A 27 4.69 3.62 -12.46
N GLY A 28 4.96 4.85 -12.90
CA GLY A 28 6.31 5.30 -13.13
C GLY A 28 6.97 6.01 -11.98
N TYR A 29 6.28 6.15 -10.85
CA TYR A 29 6.81 6.86 -9.69
C TYR A 29 8.08 6.19 -9.17
N VAL A 30 9.10 6.99 -8.89
CA VAL A 30 10.28 6.52 -8.17
C VAL A 30 10.79 7.69 -7.33
N GLU A 31 11.02 7.44 -6.03
CA GLU A 31 11.53 8.47 -5.14
C GLU A 31 12.27 7.82 -3.99
N ARG A 32 13.40 8.42 -3.58
CA ARG A 32 14.04 8.11 -2.31
C ARG A 32 13.35 8.94 -1.24
N LEU A 33 12.81 8.29 -0.21
CA LEU A 33 12.17 9.02 0.88
C LEU A 33 13.07 9.19 2.10
N ASP A 34 14.26 8.58 2.10
CA ASP A 34 15.14 8.61 3.27
C ASP A 34 14.45 8.02 4.49
N ASP A 35 13.67 6.97 4.25
CA ASP A 35 12.93 6.23 5.25
C ASP A 35 13.50 4.83 5.46
N GLY A 36 14.74 4.62 5.01
CA GLY A 36 15.37 3.32 5.10
C GLY A 36 15.03 2.35 4.00
N ARG A 37 14.16 2.72 3.06
CA ARG A 37 13.67 1.76 2.08
C ARG A 37 14.32 1.90 0.71
N GLY A 38 15.34 2.76 0.57
CA GLY A 38 15.96 2.95 -0.73
C GLY A 38 15.03 3.72 -1.64
N TYR A 39 14.82 3.20 -2.85
CA TYR A 39 13.86 3.80 -3.78
C TYR A 39 12.49 3.19 -3.55
N THR A 40 11.48 4.05 -3.49
CA THR A 40 10.07 3.64 -3.43
C THR A 40 9.45 3.88 -4.80
N CYS A 41 8.77 2.87 -5.33
CA CYS A 41 8.53 2.79 -6.77
C CYS A 41 7.13 2.32 -7.13
N GLY A 42 6.56 2.93 -8.17
CA GLY A 42 5.41 2.33 -8.82
C GLY A 42 4.13 2.36 -7.99
N ARG A 43 3.17 1.53 -8.42
CA ARG A 43 1.80 1.67 -7.92
C ARG A 43 1.69 1.34 -6.44
N ALA A 44 2.50 0.42 -5.94
CA ALA A 44 2.43 0.00 -4.54
C ALA A 44 3.50 0.68 -3.69
N GLY A 45 4.36 1.51 -4.26
CA GLY A 45 5.52 1.90 -3.52
C GLY A 45 6.38 0.68 -3.22
N PHE A 46 6.59 -0.18 -4.22
CA PHE A 46 7.55 -1.27 -4.07
C PHE A 46 8.93 -0.65 -3.80
N THR A 47 9.69 -1.23 -2.87
CA THR A 47 10.95 -0.58 -2.52
C THR A 47 12.14 -1.49 -2.74
N THR A 48 13.31 -0.86 -2.87
CA THR A 48 14.52 -1.62 -3.09
C THR A 48 15.09 -2.24 -1.81
N ALA A 49 14.73 -1.72 -0.63
CA ALA A 49 15.17 -2.37 0.60
C ALA A 49 14.28 -3.52 1.02
N THR A 50 12.98 -3.47 0.70
CA THR A 50 12.03 -4.40 1.31
C THR A 50 11.68 -5.58 0.42
N GLY A 51 12.32 -5.72 -0.73
CA GLY A 51 12.25 -6.94 -1.51
C GLY A 51 11.24 -6.93 -2.63
N ASP A 52 10.27 -6.02 -2.61
CA ASP A 52 9.20 -6.10 -3.59
C ASP A 52 9.50 -5.40 -4.91
N ALA A 53 10.36 -4.38 -4.92
CA ALA A 53 10.83 -3.87 -6.21
C ALA A 53 11.61 -4.95 -6.97
N LEU A 54 12.42 -5.74 -6.25
CA LEU A 54 13.07 -6.88 -6.85
C LEU A 54 12.06 -7.82 -7.50
N GLU A 55 10.96 -8.12 -6.80
CA GLU A 55 9.97 -9.02 -7.35
C GLU A 55 9.35 -8.46 -8.63
N VAL A 56 9.07 -7.15 -8.67
CA VAL A 56 8.56 -6.55 -9.90
C VAL A 56 9.54 -6.77 -11.05
N VAL A 57 10.82 -6.52 -10.81
CA VAL A 57 11.79 -6.68 -11.89
C VAL A 57 11.93 -8.15 -12.30
N GLU A 58 11.87 -9.07 -11.33
CA GLU A 58 11.88 -10.50 -11.66
C GLU A 58 10.70 -10.88 -12.55
N VAL A 59 9.50 -10.46 -12.16
CA VAL A 59 8.30 -10.80 -12.92
C VAL A 59 8.34 -10.16 -14.30
N TYR A 60 8.74 -8.89 -14.37
CA TYR A 60 8.89 -8.24 -15.66
C TYR A 60 9.92 -8.95 -16.53
N THR A 61 11.03 -9.39 -15.93
CA THR A 61 12.08 -10.06 -16.71
C THR A 61 11.63 -11.43 -17.19
N LYS A 62 10.84 -12.16 -16.40
CA LYS A 62 10.28 -13.42 -16.89
C LYS A 62 9.42 -13.19 -18.13
N ALA A 63 8.60 -12.14 -18.13
CA ALA A 63 7.71 -11.86 -19.24
C ALA A 63 8.43 -11.23 -20.44
N VAL A 64 9.44 -10.40 -20.18
CA VAL A 64 10.15 -9.63 -21.20
C VAL A 64 11.64 -9.83 -20.96
N PRO A 65 12.23 -10.90 -21.48
CA PRO A 65 13.66 -11.13 -21.23
C PRO A 65 14.51 -9.97 -21.72
N ASN A 66 15.62 -9.72 -21.01
CA ASN A 66 16.65 -8.82 -21.51
C ASN A 66 16.15 -7.37 -21.64
N ASN A 67 15.23 -7.00 -20.78
CA ASN A 67 14.67 -5.66 -20.73
C ASN A 67 15.67 -4.69 -20.09
N LYS A 68 15.30 -3.40 -20.05
CA LYS A 68 16.23 -2.38 -19.58
C LYS A 68 16.51 -2.43 -18.10
N LEU A 69 15.71 -3.16 -17.32
CA LEU A 69 15.94 -3.29 -15.89
C LEU A 69 16.69 -4.56 -15.50
N LYS A 70 16.86 -5.50 -16.44
CA LYS A 70 17.49 -6.77 -16.11
C LYS A 70 18.86 -6.60 -15.45
N LYS A 71 19.66 -5.65 -15.95
CA LYS A 71 21.01 -5.50 -15.44
C LYS A 71 21.05 -5.08 -13.98
N TYR A 72 19.93 -4.56 -13.44
CA TYR A 72 19.88 -4.18 -12.04
C TYR A 72 19.57 -5.34 -11.11
N LEU A 73 19.24 -6.52 -11.64
CA LEU A 73 18.85 -7.63 -10.77
C LEU A 73 19.92 -8.00 -9.75
N PRO A 74 21.20 -8.10 -10.08
CA PRO A 74 22.16 -8.47 -9.03
C PRO A 74 22.21 -7.49 -7.88
N GLU A 75 22.17 -6.19 -8.16
CA GLU A 75 22.14 -5.22 -7.09
C GLU A 75 20.81 -5.25 -6.34
N LEU A 76 19.69 -5.33 -7.06
CA LEU A 76 18.40 -5.42 -6.39
C LEU A 76 18.34 -6.63 -5.47
N ARG A 77 18.93 -7.74 -5.92
CA ARG A 77 18.92 -8.94 -5.09
C ARG A 77 19.76 -8.75 -3.82
N ARG A 78 20.94 -8.14 -3.95
CA ARG A 78 21.76 -7.85 -2.77
C ARG A 78 21.04 -6.87 -1.84
N LEU A 79 20.38 -5.85 -2.39
CA LEU A 79 19.69 -4.89 -1.55
C LEU A 79 18.56 -5.55 -0.79
N ALA A 80 17.83 -6.45 -1.45
CA ALA A 80 16.77 -7.19 -0.77
C ALA A 80 17.34 -8.09 0.32
N LYS A 81 18.42 -8.81 0.02
CA LYS A 81 19.05 -9.67 1.01
C LYS A 81 19.46 -8.90 2.26
N GLU A 82 20.06 -7.72 2.07
CA GLU A 82 20.62 -6.91 3.15
C GLU A 82 19.61 -5.94 3.75
N GLU A 83 18.41 -5.86 3.18
CA GLU A 83 17.42 -4.87 3.58
C GLU A 83 18.05 -3.48 3.58
N SER A 84 18.74 -3.17 2.49
CA SER A 84 19.63 -2.02 2.42
C SER A 84 18.95 -0.82 1.77
N ASP A 85 19.22 0.37 2.32
CA ASP A 85 18.77 1.65 1.80
C ASP A 85 19.67 2.19 0.67
N ASP A 86 20.73 1.48 0.32
CA ASP A 86 21.72 1.97 -0.63
C ASP A 86 21.09 2.12 -2.01
N THR A 87 21.20 3.30 -2.60
CA THR A 87 20.84 3.49 -4.00
C THR A 87 22.04 3.92 -4.84
N SER A 88 23.24 3.88 -4.27
CA SER A 88 24.41 4.38 -4.98
C SER A 88 24.86 3.46 -6.10
N ASN A 89 24.42 2.20 -6.11
CA ASN A 89 24.72 1.30 -7.21
CA ASN A 89 24.72 1.31 -7.23
C ASN A 89 23.50 0.99 -8.07
N LEU A 90 22.58 1.96 -8.15
CA LEU A 90 21.41 1.86 -9.00
C LEU A 90 21.36 3.01 -10.01
N LYS A 91 22.52 3.46 -10.49
CA LYS A 91 22.53 4.56 -11.44
C LYS A 91 21.69 4.21 -12.66
N GLY A 92 20.80 5.14 -13.04
CA GLY A 92 19.92 4.93 -14.17
C GLY A 92 18.65 4.16 -13.86
N PHE A 93 18.54 3.54 -12.69
CA PHE A 93 17.37 2.72 -12.37
C PHE A 93 16.10 3.57 -12.27
N ALA A 94 16.16 4.70 -11.56
CA ALA A 94 14.96 5.50 -11.40
C ALA A 94 14.45 6.01 -12.74
N SER A 95 15.35 6.48 -13.60
N SER A 95 15.35 6.48 -13.60
CA SER A 95 14.95 6.96 -14.92
CA SER A 95 14.94 6.95 -14.91
C SER A 95 14.41 5.82 -15.78
C SER A 95 14.40 5.81 -15.76
N ALA A 96 15.03 4.64 -15.69
CA ALA A 96 14.55 3.51 -16.48
C ALA A 96 13.17 3.07 -16.02
N TRP A 97 12.96 2.98 -14.71
CA TRP A 97 11.65 2.62 -14.20
C TRP A 97 10.60 3.64 -14.66
N LYS A 98 10.89 4.93 -14.51
CA LYS A 98 9.94 5.95 -14.93
C LYS A 98 9.63 5.85 -16.42
N SER A 99 10.63 5.49 -17.24
CA SER A 99 10.42 5.42 -18.69
C SER A 99 9.42 4.35 -19.06
N LEU A 100 9.17 3.40 -18.17
CA LEU A 100 8.22 2.31 -18.41
C LEU A 100 6.84 2.59 -17.82
N ALA A 101 6.57 3.83 -17.41
CA ALA A 101 5.32 4.18 -16.74
C ALA A 101 4.10 3.74 -17.54
N ASN A 102 4.17 3.83 -18.87
CA ASN A 102 3.02 3.53 -19.72
C ASN A 102 3.22 2.26 -20.53
N ASP A 103 4.19 1.44 -20.15
CA ASP A 103 4.48 0.21 -20.86
C ASP A 103 3.54 -0.89 -20.38
N LYS A 104 2.85 -1.52 -21.33
CA LYS A 104 1.83 -2.52 -20.99
C LYS A 104 2.41 -3.64 -20.13
N GLU A 105 3.56 -4.19 -20.54
CA GLU A 105 4.12 -5.34 -19.82
C GLU A 105 4.64 -4.93 -18.45
N PHE A 106 5.26 -3.76 -18.33
CA PHE A 106 5.76 -3.34 -17.03
C PHE A 106 4.61 -3.08 -16.06
N ARG A 107 3.54 -2.44 -16.55
CA ARG A 107 2.37 -2.24 -15.71
C ARG A 107 1.77 -3.58 -15.29
N ALA A 108 1.73 -4.54 -16.22
CA ALA A 108 1.18 -5.86 -15.88
C ALA A 108 2.01 -6.54 -14.82
N ALA A 109 3.34 -6.39 -14.87
CA ALA A 109 4.20 -6.98 -13.86
C ALA A 109 3.93 -6.37 -12.48
N GLN A 110 3.78 -5.05 -12.43
CA GLN A 110 3.43 -4.40 -11.17
C GLN A 110 2.07 -4.87 -10.67
N ASP A 111 1.09 -5.01 -11.58
CA ASP A 111 -0.21 -5.48 -11.17
C ASP A 111 -0.14 -6.90 -10.59
N LYS A 112 0.68 -7.75 -11.21
CA LYS A 112 0.81 -9.12 -10.74
C LYS A 112 1.43 -9.17 -9.35
N VAL A 113 2.54 -8.46 -9.14
CA VAL A 113 3.16 -8.45 -7.82
C VAL A 113 2.23 -7.83 -6.78
N ASN A 114 1.53 -6.74 -7.15
CA ASN A 114 0.58 -6.14 -6.22
C ASN A 114 -0.53 -7.12 -5.84
N ASP A 115 -1.02 -7.88 -6.82
CA ASP A 115 -2.09 -8.84 -6.53
C ASP A 115 -1.59 -9.91 -5.57
N HIS A 116 -0.38 -10.42 -5.82
CA HIS A 116 0.16 -11.52 -5.04
C HIS A 116 0.56 -11.09 -3.64
N LEU A 117 1.18 -9.91 -3.50
CA LEU A 117 1.70 -9.48 -2.20
C LEU A 117 0.70 -8.72 -1.37
N TYR A 118 -0.21 -7.97 -2.01
CA TYR A 118 -1.03 -6.99 -1.29
C TYR A 118 -2.53 -7.27 -1.42
N TYR A 119 -3.09 -7.30 -2.62
CA TYR A 119 -4.54 -7.42 -2.73
C TYR A 119 -5.04 -8.75 -2.20
N GLN A 120 -4.49 -9.87 -2.70
CA GLN A 120 -4.98 -11.16 -2.23
C GLN A 120 -4.74 -11.35 -0.73
N PRO A 121 -3.57 -11.04 -0.17
CA PRO A 121 -3.44 -11.16 1.29
C PRO A 121 -4.39 -10.26 2.05
N ALA A 122 -4.65 -9.04 1.56
CA ALA A 122 -5.61 -8.18 2.25
C ALA A 122 -7.00 -8.81 2.28
N MET A 123 -7.43 -9.38 1.16
CA MET A 123 -8.75 -9.99 1.12
C MET A 123 -8.79 -11.25 1.96
N LYS A 124 -7.69 -12.01 2.00
CA LYS A 124 -7.65 -13.23 2.80
C LYS A 124 -7.74 -12.91 4.28
N ARG A 125 -6.93 -11.95 4.75
CA ARG A 125 -7.00 -11.58 6.15
C ARG A 125 -8.33 -10.92 6.49
N SER A 126 -8.93 -10.20 5.53
CA SER A 126 -10.27 -9.66 5.72
C SER A 126 -11.27 -10.79 5.95
N ASP A 127 -11.20 -11.85 5.14
CA ASP A 127 -12.06 -13.01 5.33
C ASP A 127 -11.83 -13.63 6.70
N ASN A 128 -10.56 -13.78 7.09
CA ASN A 128 -10.26 -14.39 8.38
C ASN A 128 -10.83 -13.59 9.53
N ALA A 129 -10.91 -12.27 9.38
CA ALA A 129 -11.46 -11.40 10.41
C ALA A 129 -12.97 -11.22 10.28
N GLY A 130 -13.59 -11.82 9.27
CA GLY A 130 -15.03 -11.70 9.11
C GLY A 130 -15.51 -10.37 8.58
N LEU A 131 -14.67 -9.63 7.87
CA LEU A 131 -15.08 -8.32 7.39
C LEU A 131 -16.05 -8.48 6.23
N LYS A 132 -17.19 -7.79 6.33
CA LYS A 132 -18.19 -7.86 5.28
C LYS A 132 -18.30 -6.59 4.45
N THR A 133 -17.80 -5.46 4.93
CA THR A 133 -18.01 -4.20 4.22
C THR A 133 -16.88 -3.92 3.23
N ALA A 134 -17.25 -3.31 2.10
CA ALA A 134 -16.25 -2.88 1.14
C ALA A 134 -15.29 -1.88 1.75
N LEU A 135 -15.80 -0.96 2.57
CA LEU A 135 -14.91 0.03 3.18
C LEU A 135 -13.86 -0.63 4.07
N ALA A 136 -14.27 -1.57 4.92
CA ALA A 136 -13.28 -2.25 5.75
C ALA A 136 -12.24 -2.97 4.91
N ARG A 137 -12.69 -3.65 3.85
CA ARG A 137 -11.75 -4.34 2.98
C ARG A 137 -10.82 -3.35 2.28
N ALA A 138 -11.34 -2.18 1.91
CA ALA A 138 -10.50 -1.16 1.28
C ALA A 138 -9.47 -0.62 2.26
N VAL A 139 -9.86 -0.47 3.52
CA VAL A 139 -8.90 -0.07 4.55
C VAL A 139 -7.82 -1.13 4.71
N MET A 140 -8.20 -2.40 4.74
CA MET A 140 -7.20 -3.47 4.84
C MET A 140 -6.23 -3.43 3.66
N TYR A 141 -6.75 -3.22 2.45
CA TYR A 141 -5.94 -3.16 1.25
C TYR A 141 -4.93 -2.00 1.31
N ASP A 142 -5.39 -0.81 1.68
CA ASP A 142 -4.47 0.30 1.84
C ASP A 142 -3.45 0.03 2.93
N THR A 143 -3.89 -0.62 4.01
CA THR A 143 -3.00 -0.85 5.15
C THR A 143 -1.86 -1.80 4.78
N VAL A 144 -2.17 -2.90 4.09
CA VAL A 144 -1.10 -3.85 3.75
C VAL A 144 -0.12 -3.20 2.77
N ILE A 145 -0.58 -2.32 1.90
CA ILE A 145 0.33 -1.64 0.98
C ILE A 145 1.35 -0.79 1.74
N GLN A 146 0.89 -0.04 2.75
CA GLN A 146 1.85 0.80 3.48
C GLN A 146 2.66 -0.02 4.46
N HIS A 147 2.01 -0.92 5.20
CA HIS A 147 2.63 -1.58 6.35
C HIS A 147 3.30 -2.90 6.00
N GLY A 148 2.96 -3.47 4.85
CA GLY A 148 3.46 -4.78 4.49
C GLY A 148 2.76 -5.89 5.24
N ASP A 149 2.93 -7.13 4.73
CA ASP A 149 2.37 -8.33 5.33
C ASP A 149 3.43 -9.16 6.03
N GLY A 150 4.39 -8.51 6.69
CA GLY A 150 5.45 -9.19 7.41
C GLY A 150 5.05 -9.59 8.80
N ASP A 151 6.06 -9.94 9.61
CA ASP A 151 5.88 -10.42 10.97
C ASP A 151 6.22 -9.37 12.03
N ASP A 152 6.51 -8.15 11.63
CA ASP A 152 7.04 -7.12 12.51
C ASP A 152 5.91 -6.38 13.18
N PRO A 153 6.21 -5.59 14.23
CA PRO A 153 5.14 -4.93 14.99
C PRO A 153 4.38 -3.85 14.24
N ASP A 154 4.86 -3.39 13.09
CA ASP A 154 4.15 -2.41 12.28
C ASP A 154 3.38 -3.04 11.14
N SER A 155 3.36 -4.37 11.08
CA SER A 155 2.80 -5.06 9.94
C SER A 155 1.28 -5.07 9.96
N PHE A 156 0.71 -5.33 8.78
CA PHE A 156 -0.73 -5.49 8.58
C PHE A 156 -1.36 -6.40 9.64
N TYR A 157 -0.81 -7.61 9.81
CA TYR A 157 -1.44 -8.53 10.74
C TYR A 157 -1.22 -8.12 12.19
N ALA A 158 -0.09 -7.49 12.49
CA ALA A 158 0.10 -6.94 13.83
C ALA A 158 -0.99 -5.91 14.15
N LEU A 159 -1.34 -5.08 13.18
CA LEU A 159 -2.44 -4.12 13.41
C LEU A 159 -3.77 -4.84 13.61
N ILE A 160 -4.05 -5.87 12.81
CA ILE A 160 -5.28 -6.62 12.98
C ILE A 160 -5.36 -7.22 14.38
N LYS A 161 -4.28 -7.87 14.82
CA LYS A 161 -4.29 -8.50 16.14
C LYS A 161 -4.45 -7.48 17.25
N ARG A 162 -3.76 -6.33 17.13
CA ARG A 162 -3.88 -5.31 18.17
C ARG A 162 -5.29 -4.72 18.21
N THR A 163 -5.92 -4.58 17.05
CA THR A 163 -7.30 -4.12 17.00
C THR A 163 -8.23 -5.15 17.63
N ASN A 164 -8.06 -6.43 17.28
CA ASN A 164 -8.88 -7.48 17.87
C ASN A 164 -8.78 -7.44 19.39
N LYS A 165 -7.56 -7.27 19.92
CA LYS A 165 -7.38 -7.24 21.37
C LYS A 165 -8.12 -6.06 21.99
N LYS A 166 -7.96 -4.87 21.40
CA LYS A 166 -8.61 -3.67 21.93
C LYS A 166 -10.12 -3.73 21.78
N ALA A 167 -10.62 -4.34 20.71
CA ALA A 167 -12.05 -4.40 20.45
C ALA A 167 -12.74 -5.57 21.12
N GLY A 168 -12.01 -6.50 21.72
CA GLY A 168 -12.61 -7.67 22.32
C GLY A 168 -12.90 -8.79 21.34
N GLY A 169 -12.28 -8.76 20.16
CA GLY A 169 -12.51 -9.77 19.15
C GLY A 169 -12.55 -9.16 17.76
N SER A 170 -12.71 -10.01 16.74
CA SER A 170 -12.92 -9.57 15.37
C SER A 170 -14.40 -9.61 15.03
N PRO A 171 -14.79 -9.04 13.90
CA PRO A 171 -16.20 -9.18 13.49
C PRO A 171 -16.64 -10.61 13.29
N LYS A 172 -15.73 -11.52 12.93
CA LYS A 172 -16.07 -12.94 12.88
C LYS A 172 -16.52 -13.44 14.25
N ASP A 173 -15.93 -12.92 15.33
CA ASP A 173 -16.32 -13.28 16.69
C ASP A 173 -17.62 -12.64 17.13
N GLY A 174 -18.15 -11.68 16.36
CA GLY A 174 -19.39 -11.01 16.70
C GLY A 174 -19.25 -9.54 17.03
N ILE A 175 -18.03 -9.00 17.02
CA ILE A 175 -17.86 -7.57 17.25
C ILE A 175 -18.43 -6.79 16.08
N ASP A 176 -19.14 -5.72 16.39
CA ASP A 176 -19.69 -4.85 15.35
C ASP A 176 -18.59 -4.36 14.43
N GLU A 177 -18.75 -4.58 13.12
CA GLU A 177 -17.69 -4.27 12.18
C GLU A 177 -17.39 -2.78 12.13
N LYS A 178 -18.41 -1.93 12.27
CA LYS A 178 -18.17 -0.50 12.22
C LYS A 178 -17.37 -0.02 13.42
N LYS A 179 -17.69 -0.52 14.62
CA LYS A 179 -16.89 -0.20 15.79
C LYS A 179 -15.48 -0.76 15.63
N TRP A 180 -15.36 -1.99 15.14
CA TRP A 180 -14.05 -2.61 14.94
C TRP A 180 -13.19 -1.78 13.99
N LEU A 181 -13.78 -1.34 12.87
CA LEU A 181 -13.02 -0.57 11.90
C LEU A 181 -12.56 0.76 12.48
N ASN A 182 -13.40 1.40 13.29
CA ASN A 182 -12.98 2.64 13.93
CA ASN A 182 -12.97 2.63 13.93
C ASN A 182 -11.79 2.40 14.86
N LYS A 183 -11.82 1.30 15.62
CA LYS A 183 -10.68 0.97 16.46
C LYS A 183 -9.46 0.62 15.61
N PHE A 184 -9.67 -0.06 14.48
CA PHE A 184 -8.56 -0.35 13.59
C PHE A 184 -7.90 0.92 13.11
N LEU A 185 -8.70 1.91 12.72
CA LEU A 185 -8.13 3.17 12.26
C LEU A 185 -7.34 3.86 13.38
N ASP A 186 -7.83 3.78 14.62
CA ASP A 186 -7.09 4.30 15.77
C ASP A 186 -5.76 3.59 15.93
N VAL A 187 -5.78 2.25 15.88
CA VAL A 187 -4.55 1.46 15.99
C VAL A 187 -3.57 1.81 14.88
N ARG A 188 -4.09 1.98 13.66
CA ARG A 188 -3.18 2.32 12.56
C ARG A 188 -2.59 3.71 12.76
N TYR A 189 -3.41 4.68 13.14
CA TYR A 189 -2.91 6.02 13.44
C TYR A 189 -1.78 5.96 14.45
N ASP A 190 -1.98 5.22 15.54
CA ASP A 190 -0.96 5.13 16.58
C ASP A 190 0.32 4.51 16.03
N ASP A 191 0.19 3.51 15.16
CA ASP A 191 1.38 2.88 14.59
C ASP A 191 2.12 3.83 13.65
N LEU A 192 1.38 4.61 12.86
CA LEU A 192 2.03 5.57 11.96
C LEU A 192 2.74 6.67 12.72
N MET A 193 2.21 7.06 13.89
CA MET A 193 2.81 8.13 14.67
C MET A 193 4.06 7.66 15.41
N ASN A 194 4.10 6.41 15.86
CA ASN A 194 5.25 5.90 16.62
C ASN A 194 5.49 4.44 16.27
N PRO A 195 5.97 4.18 15.05
CA PRO A 195 6.20 2.79 14.64
C PRO A 195 7.39 2.19 15.36
N ALA A 196 7.39 0.86 15.42
CA ALA A 196 8.57 0.16 15.94
C ALA A 196 9.79 0.41 15.07
N ASN A 197 9.58 0.56 13.77
CA ASN A 197 10.65 0.82 12.81
C ASN A 197 10.96 2.31 12.85
N HIS A 198 12.04 2.67 13.55
CA HIS A 198 12.38 4.08 13.70
C HIS A 198 12.76 4.74 12.37
N ASP A 199 13.33 3.97 11.43
CA ASP A 199 13.71 4.55 10.14
C ASP A 199 12.53 5.21 9.45
N THR A 200 11.32 4.67 9.64
CA THR A 200 10.15 5.17 8.93
C THR A 200 9.30 6.13 9.75
N ARG A 201 9.75 6.49 10.96
CA ARG A 201 8.89 7.28 11.84
C ARG A 201 8.56 8.64 11.23
N ASP A 202 9.57 9.36 10.74
CA ASP A 202 9.31 10.70 10.21
C ASP A 202 8.41 10.66 8.98
N GLU A 203 8.67 9.72 8.07
CA GLU A 203 7.84 9.60 6.87
C GLU A 203 6.41 9.24 7.25
N TRP A 204 6.25 8.25 8.12
CA TRP A 204 4.91 7.77 8.43
C TRP A 204 4.09 8.78 9.22
N ARG A 205 4.75 9.58 10.07
CA ARG A 205 4.03 10.62 10.79
C ARG A 205 3.33 11.59 9.84
N GLU A 206 3.93 11.82 8.67
CA GLU A 206 3.33 12.72 7.69
C GLU A 206 2.28 12.04 6.82
N SER A 207 2.01 10.77 7.04
CA SER A 207 1.03 10.01 6.27
C SER A 207 -0.28 9.80 7.01
N VAL A 208 -0.40 10.28 8.26
CA VAL A 208 -1.58 9.96 9.08
C VAL A 208 -2.86 10.50 8.49
N ALA A 209 -2.79 11.52 7.63
CA ALA A 209 -4.01 12.06 7.03
C ALA A 209 -4.81 10.99 6.30
N ARG A 210 -4.16 9.93 5.81
CA ARG A 210 -4.92 8.90 5.12
C ARG A 210 -5.91 8.22 6.05
N VAL A 211 -5.56 8.09 7.33
CA VAL A 211 -6.50 7.52 8.30
C VAL A 211 -7.74 8.38 8.39
N ASP A 212 -7.58 9.71 8.40
CA ASP A 212 -8.75 10.57 8.51
C ASP A 212 -9.59 10.55 7.23
N VAL A 213 -8.94 10.45 6.06
CA VAL A 213 -9.71 10.33 4.82
C VAL A 213 -10.58 9.08 4.86
N LEU A 214 -10.00 7.96 5.29
CA LEU A 214 -10.75 6.71 5.36
C LEU A 214 -11.85 6.80 6.41
N ARG A 215 -11.55 7.39 7.56
CA ARG A 215 -12.57 7.54 8.59
C ARG A 215 -13.71 8.43 8.12
N SER A 216 -13.42 9.43 7.28
CA SER A 216 -14.47 10.31 6.79
C SER A 216 -15.47 9.56 5.92
N ILE A 217 -15.00 8.54 5.17
CA ILE A 217 -15.92 7.71 4.41
C ILE A 217 -16.86 6.97 5.36
N ALA A 218 -16.32 6.42 6.45
CA ALA A 218 -17.13 5.76 7.45
C ALA A 218 -18.14 6.72 8.07
N LYS A 219 -17.71 7.96 8.34
CA LYS A 219 -18.59 8.95 8.95
C LYS A 219 -19.68 9.44 7.98
N GLU A 220 -19.51 9.23 6.68
CA GLU A 220 -20.60 9.43 5.74
C GLU A 220 -21.50 8.22 5.63
N ASN A 221 -21.20 7.16 6.38
CA ASN A 221 -21.91 5.89 6.31
C ASN A 221 -21.85 5.29 4.90
N ASN A 222 -20.70 5.40 4.26
CA ASN A 222 -20.51 4.84 2.92
C ASN A 222 -19.68 3.55 2.99
N TYR A 223 -20.20 2.57 3.73
CA TYR A 223 -19.47 1.33 3.95
C TYR A 223 -19.45 0.43 2.73
N ASN A 224 -20.33 0.64 1.75
CA ASN A 224 -20.26 -0.10 0.51
C ASN A 224 -19.31 0.55 -0.50
N LEU A 225 -18.67 1.66 -0.13
CA LEU A 225 -17.73 2.34 -1.01
C LEU A 225 -18.39 2.69 -2.35
N ASN A 226 -19.60 3.23 -2.26
CA ASN A 226 -20.32 3.73 -3.42
C ASN A 226 -19.70 5.03 -3.91
N GLY A 227 -19.93 5.34 -5.19
CA GLY A 227 -19.41 6.56 -5.78
C GLY A 227 -20.52 7.51 -6.22
N PRO A 228 -20.17 8.78 -6.49
CA PRO A 228 -18.83 9.33 -6.36
C PRO A 228 -18.45 9.54 -4.90
N ILE A 229 -17.16 9.48 -4.61
CA ILE A 229 -16.60 9.81 -3.31
C ILE A 229 -15.85 11.13 -3.47
N HIS A 230 -16.03 12.03 -2.52
CA HIS A 230 -15.24 13.25 -2.48
C HIS A 230 -14.26 13.19 -1.32
N VAL A 231 -12.97 13.29 -1.61
CA VAL A 231 -11.95 13.36 -0.59
C VAL A 231 -11.71 14.84 -0.30
N ARG A 232 -11.75 15.20 0.98
CA ARG A 232 -11.61 16.59 1.42
C ARG A 232 -10.55 16.60 2.51
N SER A 233 -9.28 16.77 2.13
CA SER A 233 -8.16 16.59 3.03
C SER A 233 -7.32 17.85 3.10
N ASN A 234 -7.07 18.34 4.32
CA ASN A 234 -6.16 19.47 4.46
C ASN A 234 -4.76 19.10 4.00
N GLU A 235 -4.40 17.82 4.11
CA GLU A 235 -3.07 17.39 3.74
C GLU A 235 -2.94 17.16 2.24
N TYR A 236 -3.83 16.34 1.66
CA TYR A 236 -3.69 15.93 0.27
C TYR A 236 -4.40 16.85 -0.70
N GLY A 237 -5.44 17.55 -0.26
CA GLY A 237 -6.27 18.34 -1.16
C GLY A 237 -7.64 17.72 -1.38
N ASN A 238 -8.32 18.22 -2.41
CA ASN A 238 -9.67 17.79 -2.77
C ASN A 238 -9.63 16.91 -4.02
N PHE A 239 -10.34 15.79 -3.98
CA PHE A 239 -10.42 14.88 -5.11
C PHE A 239 -11.82 14.32 -5.23
N VAL A 240 -12.18 13.94 -6.45
CA VAL A 240 -13.36 13.12 -6.68
C VAL A 240 -12.92 11.77 -7.21
N ILE A 241 -13.57 10.72 -6.71
CA ILE A 241 -13.35 9.35 -7.15
C ILE A 241 -14.70 8.86 -7.66
N LYS A 242 -14.76 8.50 -8.94
CA LYS A 242 -16.01 8.05 -9.55
C LYS A 242 -16.53 6.78 -8.91
#